data_4J51
#
_entry.id   4J51
#
_cell.length_a   46.193
_cell.length_b   93.644
_cell.length_c   153.498
_cell.angle_alpha   90.00
_cell.angle_beta   90.00
_cell.angle_gamma   90.00
#
_symmetry.space_group_name_H-M   'P 21 21 21'
#
loop_
_entity.id
_entity.type
_entity.pdbx_description
1 polymer 'Tyrosine-protein phosphatase non-receptor type 22'
2 non-polymer '3-[(3-chlorophenyl)ethynyl]-2-{4-[2-(cyclopropylamino)-2-oxoethoxy]phenyl}-6-hydroxy-1-benzofuran-5-carboxylic acid'
3 water water
#
_entity_poly.entity_id   1
_entity_poly.type   'polypeptide(L)'
_entity_poly.pdbx_seq_one_letter_code
;MGSSHHHHHHSSGLVPRGSHMASMDQREILQKFLDEAQSKKITKEEFANEFLKLKRQSTKYKADKTYPTTVAEKPKNIKK
NRYKDILPYDYSRVELSLITSDEDSSYINANFIKGVYGPKAYIATQGPLSTTLLDFWRMIWEYSVLIIVMACMEYEMGKK
KCERYWAEPGEMQLEFGPFSVSCEAEKRKSDYIIRTLKVKFNSETRTIYQFHYKNWPDHDVPSSIDPILELIWDVRCYQE
DDSVPICIHCSAGCGRTGVICAIDYTWMLLKDGIIPENFSVFSLIREMRTQRPSLVQTQEQYELVYNAVLELFKRQMDVI
RDKHSG
;
_entity_poly.pdbx_strand_id   A,B
#
loop_
_chem_comp.id
_chem_comp.type
_chem_comp.name
_chem_comp.formula
N75 non-polymer '3-[(3-chlorophenyl)ethynyl]-2-{4-[2-(cyclopropylamino)-2-oxoethoxy]phenyl}-6-hydroxy-1-benzofuran-5-carboxylic acid' 'C28 H20 Cl N O6'
#
# COMPACT_ATOMS: atom_id res chain seq x y z
N MET A 24 2.03 10.40 5.67
CA MET A 24 1.21 9.31 5.07
C MET A 24 2.14 8.53 4.16
N ASP A 25 1.66 7.39 3.66
CA ASP A 25 2.44 6.56 2.74
C ASP A 25 1.81 6.69 1.33
N GLN A 26 2.50 6.21 0.30
CA GLN A 26 1.96 6.33 -1.04
C GLN A 26 0.53 5.82 -1.20
N ARG A 27 0.24 4.60 -0.74
CA ARG A 27 -1.11 4.06 -0.87
C ARG A 27 -2.19 4.98 -0.32
N GLU A 28 -1.90 5.55 0.85
CA GLU A 28 -2.80 6.46 1.53
C GLU A 28 -3.02 7.76 0.76
N ILE A 29 -1.94 8.37 0.30
CA ILE A 29 -2.03 9.62 -0.45
C ILE A 29 -2.75 9.40 -1.78
N LEU A 30 -2.48 8.25 -2.42
CA LEU A 30 -3.12 7.94 -3.69
C LEU A 30 -4.61 7.65 -3.48
N GLN A 31 -4.93 6.93 -2.41
CA GLN A 31 -6.32 6.61 -2.10
C GLN A 31 -7.14 7.88 -1.83
N LYS A 32 -6.51 8.83 -1.15
CA LYS A 32 -7.16 10.09 -0.82
C LYS A 32 -7.47 10.89 -2.10
N PHE A 33 -6.49 10.99 -3.00
CA PHE A 33 -6.66 11.71 -4.26
C PHE A 33 -7.77 11.01 -5.06
N LEU A 34 -7.74 9.67 -5.04
CA LEU A 34 -8.73 8.87 -5.75
C LEU A 34 -10.13 9.11 -5.22
N ASP A 35 -10.28 9.01 -3.90
CA ASP A 35 -11.56 9.22 -3.23
C ASP A 35 -12.04 10.65 -3.45
N GLU A 36 -11.17 11.61 -3.17
CA GLU A 36 -11.50 13.02 -3.33
C GLU A 36 -12.09 13.33 -4.71
N ALA A 37 -11.51 12.75 -5.76
CA ALA A 37 -12.00 12.98 -7.12
C ALA A 37 -13.35 12.31 -7.33
N GLN A 38 -13.48 11.10 -6.82
CA GLN A 38 -14.74 10.36 -6.93
C GLN A 38 -15.89 11.07 -6.23
N SER A 39 -15.66 11.45 -4.99
CA SER A 39 -16.67 12.11 -4.17
C SER A 39 -16.99 13.53 -4.58
N LYS A 40 -16.30 14.01 -5.61
CA LYS A 40 -16.51 15.38 -6.07
C LYS A 40 -15.98 15.55 -7.48
N LYS A 41 -16.78 15.18 -8.47
CA LYS A 41 -16.35 15.34 -9.86
C LYS A 41 -16.12 16.81 -10.18
N ILE A 42 -15.10 17.11 -10.97
CA ILE A 42 -14.85 18.49 -11.32
C ILE A 42 -15.73 18.79 -12.51
N THR A 43 -16.12 20.04 -12.63
CA THR A 43 -16.99 20.45 -13.71
C THR A 43 -16.24 21.36 -14.65
N LYS A 44 -16.80 21.53 -15.84
CA LYS A 44 -16.21 22.38 -16.84
C LYS A 44 -16.00 23.78 -16.24
N GLU A 45 -16.97 24.26 -15.48
CA GLU A 45 -16.86 25.59 -14.89
C GLU A 45 -15.75 25.70 -13.86
N GLU A 46 -15.55 24.64 -13.08
CA GLU A 46 -14.50 24.66 -12.07
C GLU A 46 -13.15 24.65 -12.80
N PHE A 47 -13.08 23.87 -13.88
CA PHE A 47 -11.88 23.78 -14.69
C PHE A 47 -11.60 25.19 -15.21
N ALA A 48 -12.63 25.83 -15.74
CA ALA A 48 -12.49 27.19 -16.26
C ALA A 48 -11.96 28.10 -15.15
N ASN A 49 -12.58 28.03 -13.97
CA ASN A 49 -12.16 28.83 -12.82
C ASN A 49 -10.71 28.55 -12.41
N GLU A 50 -10.32 27.28 -12.43
CA GLU A 50 -8.96 26.88 -12.08
C GLU A 50 -7.98 27.51 -13.08
N PHE A 51 -8.15 27.19 -14.36
CA PHE A 51 -7.27 27.70 -15.41
C PHE A 51 -7.19 29.22 -15.44
N LEU A 52 -8.27 29.91 -15.11
CA LEU A 52 -8.23 31.38 -15.11
C LEU A 52 -7.24 31.90 -14.07
N LYS A 53 -7.13 31.18 -12.96
CA LYS A 53 -6.20 31.57 -11.92
C LYS A 53 -4.77 31.45 -12.43
N LEU A 54 -4.49 30.39 -13.17
CA LEU A 54 -3.17 30.17 -13.74
C LEU A 54 -2.81 31.35 -14.64
N LYS A 55 -3.73 31.73 -15.52
CA LYS A 55 -3.47 32.84 -16.41
C LYS A 55 -3.28 34.12 -15.60
N ARG A 56 -4.00 34.22 -14.49
CA ARG A 56 -3.89 35.39 -13.62
C ARG A 56 -2.49 35.47 -13.04
N GLN A 57 -1.95 34.33 -12.64
CA GLN A 57 -0.61 34.37 -12.08
C GLN A 57 0.39 34.87 -13.11
N SER A 58 0.22 34.45 -14.36
CA SER A 58 1.13 34.87 -15.41
C SER A 58 1.14 36.39 -15.56
N THR A 59 -0.03 36.99 -15.38
CA THR A 59 -0.18 38.43 -15.50
C THR A 59 0.63 39.19 -14.42
N LYS A 60 0.51 38.73 -13.19
CA LYS A 60 1.20 39.32 -12.05
C LYS A 60 2.69 39.15 -12.29
N TYR A 61 3.08 37.98 -12.77
CA TYR A 61 4.48 37.73 -13.04
C TYR A 61 5.00 38.64 -14.14
N LYS A 62 4.14 38.99 -15.08
CA LYS A 62 4.56 39.87 -16.13
C LYS A 62 4.74 41.25 -15.50
N ALA A 63 3.65 41.80 -14.96
CA ALA A 63 3.68 43.11 -14.33
C ALA A 63 4.85 43.24 -13.36
N ASP A 64 5.17 42.15 -12.67
CA ASP A 64 6.27 42.16 -11.71
C ASP A 64 7.63 42.01 -12.38
N LYS A 65 7.64 41.62 -13.65
CA LYS A 65 8.88 41.42 -14.40
C LYS A 65 9.71 40.31 -13.75
N THR A 66 9.02 39.27 -13.28
CA THR A 66 9.68 38.14 -12.61
C THR A 66 10.51 37.29 -13.54
N TYR A 67 10.04 37.11 -14.77
CA TYR A 67 10.73 36.26 -15.72
C TYR A 67 11.00 36.95 -17.04
N PRO A 68 12.04 37.79 -17.09
CA PRO A 68 12.42 38.52 -18.30
C PRO A 68 12.64 37.61 -19.49
N THR A 69 12.48 38.18 -20.67
CA THR A 69 12.65 37.46 -21.93
C THR A 69 13.55 38.39 -22.75
N THR A 70 14.44 39.07 -22.05
CA THR A 70 15.35 40.00 -22.71
C THR A 70 16.11 39.39 -23.89
N VAL A 71 16.72 38.22 -23.69
CA VAL A 71 17.48 37.60 -24.76
C VAL A 71 16.65 37.30 -26.00
N ALA A 72 15.47 36.71 -25.79
CA ALA A 72 14.58 36.35 -26.89
C ALA A 72 14.10 37.54 -27.71
N GLU A 73 13.98 38.71 -27.09
CA GLU A 73 13.52 39.91 -27.77
C GLU A 73 14.60 40.65 -28.55
N LYS A 74 15.85 40.26 -28.34
CA LYS A 74 16.94 40.90 -29.07
C LYS A 74 16.64 40.78 -30.56
N PRO A 75 16.99 41.82 -31.34
CA PRO A 75 16.77 41.86 -32.79
C PRO A 75 17.38 40.68 -33.50
N LYS A 76 18.61 40.34 -33.14
CA LYS A 76 19.27 39.21 -33.77
C LYS A 76 18.48 37.90 -33.56
N ASN A 77 17.66 37.83 -32.51
CA ASN A 77 16.90 36.62 -32.24
C ASN A 77 15.40 36.62 -32.60
N ILE A 78 14.83 37.79 -32.83
CA ILE A 78 13.41 37.85 -33.20
C ILE A 78 13.04 36.86 -34.30
N LYS A 79 13.79 36.86 -35.40
CA LYS A 79 13.55 35.95 -36.52
C LYS A 79 13.71 34.47 -36.22
N LYS A 80 14.09 34.13 -34.99
CA LYS A 80 14.26 32.74 -34.62
C LYS A 80 13.06 32.29 -33.79
N ASN A 81 12.09 33.17 -33.60
CA ASN A 81 10.93 32.80 -32.83
C ASN A 81 9.76 32.54 -33.73
N ARG A 82 9.13 31.38 -33.57
CA ARG A 82 8.00 31.00 -34.40
C ARG A 82 6.79 31.88 -34.06
N TYR A 83 6.55 32.12 -32.78
CA TYR A 83 5.43 32.95 -32.35
C TYR A 83 5.96 34.08 -31.48
N LYS A 84 5.82 35.31 -31.95
CA LYS A 84 6.29 36.51 -31.25
C LYS A 84 5.83 36.63 -29.81
N ASP A 85 4.68 36.04 -29.49
CA ASP A 85 4.14 36.09 -28.13
C ASP A 85 4.73 34.99 -27.24
N ILE A 86 5.30 33.96 -27.86
CA ILE A 86 5.87 32.90 -27.08
C ILE A 86 7.39 32.97 -27.04
N LEU A 87 7.94 33.48 -25.93
CA LEU A 87 9.37 33.60 -25.76
C LEU A 87 9.87 32.91 -24.51
N PRO A 88 11.09 32.38 -24.55
CA PRO A 88 11.65 31.69 -23.38
C PRO A 88 12.12 32.62 -22.26
N TYR A 89 11.81 32.26 -21.02
CA TYR A 89 12.26 33.07 -19.90
C TYR A 89 13.78 33.00 -19.96
N ASP A 90 14.43 34.12 -19.70
CA ASP A 90 15.88 34.17 -19.72
C ASP A 90 16.46 33.12 -18.77
N TYR A 91 15.92 33.06 -17.54
CA TYR A 91 16.44 32.17 -16.54
C TYR A 91 16.46 30.69 -16.85
N SER A 92 15.47 30.20 -17.61
CA SER A 92 15.48 28.77 -17.94
C SER A 92 15.76 28.44 -19.41
N ARG A 93 15.93 29.45 -20.24
CA ARG A 93 16.19 29.20 -21.66
C ARG A 93 17.43 28.30 -21.82
N VAL A 94 17.42 27.48 -22.86
CA VAL A 94 18.53 26.59 -23.15
C VAL A 94 19.58 27.38 -23.92
N GLU A 95 20.83 27.33 -23.47
CA GLU A 95 21.88 28.08 -24.16
C GLU A 95 22.71 27.20 -25.08
N LEU A 96 23.02 27.72 -26.25
CA LEU A 96 23.82 26.97 -27.18
C LEU A 96 25.27 27.43 -27.09
N SER A 97 26.19 26.49 -27.17
CA SER A 97 27.61 26.77 -27.12
C SER A 97 28.39 25.92 -28.11
N LEU A 98 27.69 25.11 -28.90
CA LEU A 98 28.36 24.25 -29.85
C LEU A 98 28.57 25.04 -31.14
N ILE A 99 29.81 25.00 -31.65
CA ILE A 99 30.25 25.75 -32.84
C ILE A 99 29.71 27.15 -32.77
N THR A 100 29.91 27.79 -31.63
CA THR A 100 29.46 29.15 -31.41
C THR A 100 30.02 30.07 -32.50
N ASP A 102 29.39 33.83 -34.81
CA ASP A 102 28.35 34.84 -34.62
C ASP A 102 28.05 34.97 -33.12
N GLU A 103 27.70 36.19 -32.71
CA GLU A 103 27.43 36.50 -31.29
C GLU A 103 26.10 36.10 -30.64
N ASP A 104 25.05 35.90 -31.43
CA ASP A 104 23.76 35.51 -30.88
C ASP A 104 23.47 34.06 -31.23
N SER A 105 24.51 33.35 -31.69
CA SER A 105 24.42 31.96 -32.10
C SER A 105 24.17 31.06 -30.90
N SER A 106 23.97 31.66 -29.75
CA SER A 106 23.71 30.89 -28.54
C SER A 106 22.22 30.76 -28.24
N TYR A 107 21.38 31.54 -28.92
CA TYR A 107 19.94 31.52 -28.66
C TYR A 107 19.05 30.54 -29.41
N ILE A 108 18.14 29.91 -28.68
CA ILE A 108 17.20 29.03 -29.31
C ILE A 108 15.95 29.13 -28.46
N ASN A 109 14.77 29.08 -29.08
CA ASN A 109 13.51 29.19 -28.34
C ASN A 109 13.23 27.84 -27.69
N ALA A 110 13.84 27.64 -26.53
CA ALA A 110 13.67 26.39 -25.82
C ALA A 110 13.93 26.65 -24.33
N ASN A 111 13.21 25.94 -23.48
CA ASN A 111 13.41 26.11 -22.06
C ASN A 111 13.63 24.76 -21.39
N PHE A 112 14.52 24.74 -20.43
CA PHE A 112 14.78 23.53 -19.67
C PHE A 112 13.59 23.39 -18.71
N ILE A 113 13.07 22.18 -18.54
CA ILE A 113 11.99 21.96 -17.60
C ILE A 113 12.47 20.96 -16.55
N LYS A 114 12.19 21.22 -15.29
CA LYS A 114 12.66 20.36 -14.23
C LYS A 114 11.90 19.06 -14.04
N GLY A 115 12.66 17.99 -13.82
CA GLY A 115 12.06 16.70 -13.56
C GLY A 115 11.82 16.60 -12.06
N VAL A 116 11.33 15.45 -11.60
CA VAL A 116 11.06 15.26 -10.19
C VAL A 116 12.32 15.31 -9.30
N TYR A 117 13.44 14.78 -9.79
CA TYR A 117 14.69 14.74 -9.00
C TYR A 117 15.68 15.89 -9.14
N GLY A 118 15.62 16.60 -10.26
CA GLY A 118 16.54 17.71 -10.51
C GLY A 118 16.16 18.57 -11.71
N PRO A 119 17.07 19.44 -12.18
CA PRO A 119 16.66 20.24 -13.33
C PRO A 119 17.08 19.62 -14.65
N LYS A 120 16.66 20.24 -15.75
CA LYS A 120 16.99 19.77 -17.09
C LYS A 120 16.56 18.34 -17.36
N ALA A 121 15.35 17.98 -16.95
CA ALA A 121 14.86 16.65 -17.22
C ALA A 121 14.28 16.70 -18.64
N TYR A 122 13.67 17.84 -18.99
CA TYR A 122 13.11 18.00 -20.32
C TYR A 122 13.54 19.33 -20.92
N ILE A 123 13.44 19.42 -22.23
CA ILE A 123 13.72 20.65 -22.94
C ILE A 123 12.43 20.89 -23.73
N ALA A 124 11.67 21.94 -23.42
CA ALA A 124 10.46 22.22 -24.19
C ALA A 124 10.87 23.25 -25.22
N THR A 125 10.58 22.97 -26.48
CA THR A 125 10.96 23.88 -27.56
C THR A 125 9.92 23.98 -28.67
N GLN A 126 10.18 24.84 -29.65
CA GLN A 126 9.27 25.03 -30.78
C GLN A 126 9.63 24.13 -31.95
N GLY A 127 8.64 23.91 -32.81
CA GLY A 127 8.85 23.14 -34.03
C GLY A 127 9.82 24.02 -34.77
N PRO A 128 11.01 23.52 -35.10
CA PRO A 128 11.99 24.36 -35.80
C PRO A 128 11.62 25.04 -37.11
N LEU A 129 12.25 26.19 -37.32
CA LEU A 129 12.08 26.99 -38.51
C LEU A 129 13.16 26.55 -39.48
N SER A 130 12.97 26.83 -40.77
CA SER A 130 13.98 26.46 -41.74
C SER A 130 15.26 27.16 -41.31
N THR A 131 15.08 28.32 -40.67
CA THR A 131 16.19 29.13 -40.19
C THR A 131 16.87 28.63 -38.93
N THR A 132 16.20 27.80 -38.14
CA THR A 132 16.80 27.30 -36.91
C THR A 132 17.00 25.79 -36.89
N LEU A 133 16.91 25.14 -38.04
CA LEU A 133 17.07 23.70 -38.12
C LEU A 133 18.47 23.32 -37.69
N LEU A 134 19.44 24.18 -37.97
CA LEU A 134 20.82 23.88 -37.61
C LEU A 134 20.94 24.05 -36.11
N ASP A 135 20.24 25.04 -35.56
CA ASP A 135 20.27 25.26 -34.13
C ASP A 135 19.69 24.04 -33.40
N PHE A 136 18.60 23.50 -33.93
CA PHE A 136 17.97 22.35 -33.34
C PHE A 136 18.92 21.16 -33.13
N TRP A 137 19.65 20.77 -34.16
CA TRP A 137 20.56 19.64 -33.98
C TRP A 137 21.75 19.98 -33.12
N ARG A 138 22.13 21.26 -33.06
CA ARG A 138 23.25 21.65 -32.24
C ARG A 138 22.85 21.37 -30.79
N MET A 139 21.65 21.83 -30.45
CA MET A 139 21.12 21.62 -29.13
C MET A 139 20.99 20.13 -28.82
N ILE A 140 20.32 19.39 -29.69
CA ILE A 140 20.16 17.97 -29.45
C ILE A 140 21.52 17.30 -29.25
N TRP A 141 22.55 17.80 -29.92
CA TRP A 141 23.89 17.22 -29.79
C TRP A 141 24.69 17.71 -28.58
N GLU A 142 24.60 19.01 -28.31
CA GLU A 142 25.30 19.63 -27.19
C GLU A 142 24.81 19.11 -25.84
N TYR A 143 23.65 18.49 -25.81
CA TYR A 143 23.10 18.00 -24.56
C TYR A 143 22.87 16.50 -24.57
N SER A 144 23.42 15.84 -25.57
CA SER A 144 23.32 14.38 -25.67
C SER A 144 21.89 13.88 -25.51
N VAL A 145 20.96 14.49 -26.20
CA VAL A 145 19.57 14.09 -26.09
C VAL A 145 19.40 12.79 -26.83
N LEU A 146 18.67 11.86 -26.25
CA LEU A 146 18.42 10.57 -26.87
C LEU A 146 17.00 10.48 -27.41
N ILE A 147 16.10 11.28 -26.85
CA ILE A 147 14.73 11.23 -27.30
C ILE A 147 14.07 12.54 -27.68
N ILE A 148 13.44 12.56 -28.85
CA ILE A 148 12.73 13.74 -29.33
C ILE A 148 11.28 13.29 -29.43
N VAL A 149 10.36 14.10 -28.90
CA VAL A 149 8.93 13.81 -28.97
C VAL A 149 8.25 14.96 -29.71
N MET A 150 7.79 14.69 -30.93
CA MET A 150 7.12 15.68 -31.74
C MET A 150 5.61 15.47 -31.61
N ALA A 151 4.89 16.50 -31.16
CA ALA A 151 3.44 16.37 -30.97
C ALA A 151 2.62 17.23 -31.90
N CYS A 152 2.97 17.20 -33.17
CA CYS A 152 2.22 17.93 -34.16
C CYS A 152 2.55 17.36 -35.52
N MET A 153 1.82 17.80 -36.53
CA MET A 153 2.00 17.38 -37.91
C MET A 153 2.81 18.47 -38.56
N GLU A 154 3.26 18.23 -39.78
CA GLU A 154 4.01 19.26 -40.48
C GLU A 154 3.00 20.35 -40.82
N TYR A 155 1.80 19.93 -41.20
CA TYR A 155 0.77 20.89 -41.57
C TYR A 155 -0.48 20.71 -40.69
N GLU A 156 -1.01 21.84 -40.21
CA GLU A 156 -2.21 21.84 -39.37
C GLU A 156 -3.07 23.04 -39.75
N MET A 157 -4.34 22.78 -40.03
CA MET A 157 -5.28 23.82 -40.46
C MET A 157 -4.66 24.47 -41.69
N GLY A 158 -4.12 23.64 -42.56
CA GLY A 158 -3.52 24.14 -43.78
C GLY A 158 -2.23 24.95 -43.62
N LYS A 159 -1.72 25.08 -42.39
CA LYS A 159 -0.48 25.85 -42.20
C LYS A 159 0.73 24.97 -41.84
N LYS A 160 1.91 25.45 -42.18
CA LYS A 160 3.16 24.73 -41.94
C LYS A 160 3.55 24.92 -40.48
N LYS A 161 3.52 23.83 -39.72
CA LYS A 161 3.84 23.92 -38.30
C LYS A 161 5.22 23.42 -37.91
N CYS A 162 5.98 22.93 -38.87
CA CYS A 162 7.30 22.42 -38.50
C CYS A 162 8.09 22.05 -39.74
N GLU A 163 9.36 22.44 -39.77
CA GLU A 163 10.19 22.12 -40.91
C GLU A 163 10.79 20.76 -40.70
N ARG A 164 11.18 20.13 -41.80
CA ARG A 164 11.76 18.81 -41.74
C ARG A 164 13.16 18.82 -41.16
N TYR A 165 13.29 18.22 -39.98
CA TYR A 165 14.58 18.13 -39.32
C TYR A 165 14.97 16.67 -39.25
N TRP A 166 14.00 15.78 -39.47
CA TRP A 166 14.23 14.35 -39.43
C TRP A 166 14.43 13.75 -40.81
N ALA A 167 14.74 12.46 -40.84
CA ALA A 167 14.95 11.77 -42.11
C ALA A 167 14.05 10.53 -42.15
N GLU A 168 13.62 10.15 -43.34
CA GLU A 168 12.77 8.98 -43.48
C GLU A 168 13.50 7.91 -44.26
N PRO A 169 13.11 6.63 -44.11
CA PRO A 169 13.76 5.53 -44.81
C PRO A 169 13.76 5.69 -46.32
N GLY A 170 14.90 5.36 -46.92
CA GLY A 170 15.03 5.46 -48.36
C GLY A 170 15.52 6.81 -48.80
N GLU A 171 15.61 7.74 -47.87
CA GLU A 171 16.04 9.09 -48.19
C GLU A 171 17.53 9.29 -48.04
N MET A 172 18.20 8.35 -47.39
CA MET A 172 19.64 8.46 -47.10
C MET A 172 19.85 9.56 -46.05
N GLN A 173 20.93 10.32 -46.17
CA GLN A 173 21.21 11.35 -45.19
C GLN A 173 20.67 12.71 -45.59
N LEU A 174 20.34 13.53 -44.61
CA LEU A 174 19.88 14.89 -44.84
C LEU A 174 20.97 15.68 -44.17
N GLU A 175 21.24 16.87 -44.69
CA GLU A 175 22.33 17.68 -44.18
C GLU A 175 21.89 18.99 -43.57
N PHE A 176 22.28 19.20 -42.32
CA PHE A 176 21.96 20.44 -41.64
C PHE A 176 23.32 20.85 -41.11
N GLY A 177 23.99 21.73 -41.84
CA GLY A 177 25.31 22.16 -41.46
C GLY A 177 26.19 20.91 -41.44
N PRO A 178 27.03 20.77 -40.43
CA PRO A 178 27.93 19.63 -40.30
C PRO A 178 27.18 18.39 -39.82
N PHE A 179 25.87 18.52 -39.65
CA PHE A 179 25.08 17.39 -39.20
C PHE A 179 24.49 16.58 -40.36
N SER A 180 24.63 15.26 -40.27
CA SER A 180 24.08 14.35 -41.28
C SER A 180 23.07 13.43 -40.57
N VAL A 181 21.81 13.52 -40.96
CA VAL A 181 20.77 12.70 -40.35
C VAL A 181 20.15 11.72 -41.33
N SER A 182 19.92 10.49 -40.90
CA SER A 182 19.30 9.51 -41.76
C SER A 182 18.43 8.60 -40.92
N CYS A 183 17.59 7.83 -41.58
CA CYS A 183 16.69 6.95 -40.85
C CYS A 183 16.94 5.49 -41.17
N GLU A 184 17.30 4.76 -40.12
CA GLU A 184 17.59 3.35 -40.21
C GLU A 184 16.28 2.57 -40.23
N ALA A 185 15.41 2.87 -39.26
CA ALA A 185 14.14 2.18 -39.14
C ALA A 185 12.99 3.09 -38.72
N GLU A 186 11.78 2.57 -38.85
CA GLU A 186 10.58 3.28 -38.49
C GLU A 186 9.60 2.27 -37.93
N LYS A 187 9.13 2.51 -36.72
CA LYS A 187 8.16 1.61 -36.12
C LYS A 187 6.82 2.34 -36.17
N ARG A 188 5.89 1.79 -36.94
CA ARG A 188 4.58 2.43 -37.08
C ARG A 188 3.51 1.94 -36.14
N LYS A 189 3.16 2.74 -35.15
CA LYS A 189 2.10 2.32 -34.24
C LYS A 189 0.80 3.04 -34.60
N SER A 190 -0.28 2.68 -33.91
CA SER A 190 -1.60 3.24 -34.16
C SER A 190 -1.68 4.74 -34.36
N ASP A 191 -1.23 5.48 -33.35
CA ASP A 191 -1.25 6.94 -33.43
C ASP A 191 0.10 7.65 -33.46
N TYR A 192 1.19 6.90 -33.52
CA TYR A 192 2.50 7.56 -33.61
C TYR A 192 3.54 6.72 -34.32
N ILE A 193 4.63 7.35 -34.71
CA ILE A 193 5.70 6.66 -35.42
C ILE A 193 6.99 6.77 -34.63
N ILE A 194 7.78 5.71 -34.59
CA ILE A 194 9.04 5.79 -33.88
C ILE A 194 10.16 5.65 -34.89
N ARG A 195 10.84 6.76 -35.20
CA ARG A 195 11.94 6.72 -36.15
C ARG A 195 13.29 6.60 -35.47
N THR A 196 14.03 5.57 -35.83
CA THR A 196 15.37 5.36 -35.31
C THR A 196 16.31 6.17 -36.21
N LEU A 197 16.82 7.27 -35.69
CA LEU A 197 17.72 8.11 -36.46
C LEU A 197 19.20 7.94 -36.12
N LYS A 198 20.03 8.18 -37.12
CA LYS A 198 21.47 8.10 -36.96
C LYS A 198 21.98 9.50 -37.28
N VAL A 199 22.49 10.18 -36.27
CA VAL A 199 23.02 11.52 -36.47
C VAL A 199 24.56 11.49 -36.46
N LYS A 200 25.16 12.05 -37.50
CA LYS A 200 26.62 12.08 -37.60
C LYS A 200 27.12 13.50 -37.58
N PHE A 201 28.19 13.71 -36.83
CA PHE A 201 28.84 15.02 -36.70
C PHE A 201 30.31 14.74 -36.34
N ASN A 202 31.23 15.35 -37.08
CA ASN A 202 32.66 15.19 -36.78
C ASN A 202 33.09 13.74 -36.61
N SER A 203 32.75 12.91 -37.57
CA SER A 203 33.15 11.52 -37.52
C SER A 203 32.57 10.76 -36.33
N GLU A 204 31.57 11.36 -35.67
CA GLU A 204 30.92 10.68 -34.56
C GLU A 204 29.48 10.44 -34.94
N THR A 205 28.95 9.27 -34.57
CA THR A 205 27.59 8.93 -34.90
C THR A 205 26.79 8.56 -33.64
N ARG A 206 25.63 9.21 -33.48
CA ARG A 206 24.75 8.94 -32.34
C ARG A 206 23.40 8.41 -32.85
N THR A 207 22.66 7.76 -31.97
CA THR A 207 21.35 7.25 -32.32
C THR A 207 20.36 8.10 -31.55
N ILE A 208 19.38 8.64 -32.26
CA ILE A 208 18.34 9.47 -31.66
C ILE A 208 17.01 8.84 -32.00
N TYR A 209 16.11 8.77 -31.03
CA TYR A 209 14.78 8.19 -31.24
C TYR A 209 13.70 9.24 -31.34
N GLN A 210 13.14 9.41 -32.53
CA GLN A 210 12.08 10.40 -32.69
C GLN A 210 10.69 9.81 -32.58
N PHE A 211 9.89 10.34 -31.66
CA PHE A 211 8.52 9.88 -31.44
C PHE A 211 7.57 10.88 -32.07
N HIS A 212 7.04 10.56 -33.24
CA HIS A 212 6.15 11.49 -33.94
C HIS A 212 4.70 11.16 -33.64
N TYR A 213 4.08 11.97 -32.79
CA TYR A 213 2.69 11.78 -32.39
C TYR A 213 1.83 12.53 -33.38
N LYS A 214 1.21 11.78 -34.30
CA LYS A 214 0.37 12.33 -35.35
C LYS A 214 -1.12 12.34 -35.02
N ASN A 215 -1.44 12.42 -33.74
CA ASN A 215 -2.83 12.45 -33.32
C ASN A 215 -2.88 13.15 -31.98
N TRP A 216 -4.08 13.32 -31.44
CA TRP A 216 -4.23 13.96 -30.16
C TRP A 216 -5.55 13.48 -29.52
N PRO A 217 -5.55 13.22 -28.20
CA PRO A 217 -6.74 12.76 -27.46
C PRO A 217 -7.88 13.72 -27.65
N ASP A 218 -9.10 13.19 -27.74
CA ASP A 218 -10.29 14.00 -27.96
C ASP A 218 -11.08 14.28 -26.69
N HIS A 219 -11.41 15.55 -26.51
CA HIS A 219 -12.14 16.05 -25.34
C HIS A 219 -13.42 15.25 -25.05
N ASP A 220 -14.05 14.77 -26.11
CA ASP A 220 -15.30 14.04 -25.98
C ASP A 220 -15.12 12.53 -25.93
N VAL A 221 -13.87 12.07 -25.77
CA VAL A 221 -13.64 10.65 -25.69
C VAL A 221 -12.71 10.29 -24.55
N PRO A 222 -13.28 9.94 -23.39
CA PRO A 222 -12.55 9.55 -22.18
C PRO A 222 -11.45 8.52 -22.42
N SER A 223 -11.71 7.62 -23.37
CA SER A 223 -10.76 6.57 -23.71
C SER A 223 -9.65 7.05 -24.63
N SER A 224 -9.90 8.16 -25.32
CA SER A 224 -8.92 8.70 -26.23
C SER A 224 -7.64 9.13 -25.51
N ILE A 225 -7.61 9.09 -24.18
CA ILE A 225 -6.38 9.45 -23.48
C ILE A 225 -5.42 8.27 -23.44
N ASP A 226 -5.91 7.11 -23.85
CA ASP A 226 -5.08 5.92 -23.81
C ASP A 226 -3.87 5.98 -24.73
N PRO A 227 -4.02 6.58 -25.92
CA PRO A 227 -2.89 6.67 -26.85
C PRO A 227 -1.75 7.53 -26.31
N ILE A 228 -2.09 8.60 -25.59
CA ILE A 228 -1.05 9.45 -25.05
C ILE A 228 -0.31 8.76 -23.93
N LEU A 229 -1.00 7.93 -23.15
CA LEU A 229 -0.33 7.21 -22.09
C LEU A 229 0.59 6.16 -22.71
N GLU A 230 0.17 5.56 -23.80
CA GLU A 230 1.00 4.55 -24.44
C GLU A 230 2.25 5.19 -25.00
N LEU A 231 2.10 6.41 -25.49
CA LEU A 231 3.22 7.17 -26.03
C LEU A 231 4.31 7.34 -24.96
N ILE A 232 3.94 7.97 -23.86
CA ILE A 232 4.86 8.22 -22.75
C ILE A 232 5.46 6.93 -22.23
N TRP A 233 4.67 5.86 -22.23
CA TRP A 233 5.14 4.58 -21.77
C TRP A 233 6.33 4.13 -22.63
N ASP A 234 6.11 4.08 -23.95
CA ASP A 234 7.15 3.70 -24.88
C ASP A 234 8.37 4.57 -24.67
N VAL A 235 8.14 5.87 -24.60
CA VAL A 235 9.23 6.79 -24.40
C VAL A 235 10.04 6.32 -23.23
N ARG A 236 9.36 6.18 -22.09
CA ARG A 236 10.04 5.74 -20.88
C ARG A 236 10.69 4.37 -21.05
N CYS A 237 10.25 3.58 -22.01
CA CYS A 237 10.91 2.29 -22.23
C CYS A 237 12.32 2.54 -22.76
N TYR A 238 12.47 3.58 -23.58
CA TYR A 238 13.74 3.94 -24.18
C TYR A 238 14.64 4.74 -23.26
N GLN A 239 14.08 5.30 -22.20
CA GLN A 239 14.87 6.03 -21.23
C GLN A 239 14.00 6.07 -19.98
N GLU A 240 14.41 5.34 -18.95
CA GLU A 240 13.64 5.29 -17.70
C GLU A 240 14.10 6.41 -16.78
N ASP A 241 15.39 6.69 -16.83
CA ASP A 241 16.05 7.67 -16.00
C ASP A 241 16.03 9.05 -16.63
N ASP A 242 16.67 9.99 -15.93
CA ASP A 242 16.80 11.39 -16.33
C ASP A 242 18.25 11.76 -16.59
N SER A 243 19.07 10.83 -17.07
CA SER A 243 20.49 11.10 -17.34
C SER A 243 20.71 12.28 -18.30
N VAL A 244 19.95 12.30 -19.39
CA VAL A 244 19.99 13.39 -20.35
C VAL A 244 18.57 13.91 -20.45
N PRO A 245 18.41 15.14 -20.93
CA PRO A 245 17.05 15.69 -21.05
C PRO A 245 16.30 15.01 -22.16
N ILE A 246 14.98 15.12 -22.11
CA ILE A 246 14.17 14.58 -23.17
C ILE A 246 13.57 15.80 -23.85
N CYS A 247 13.78 15.89 -25.16
CA CYS A 247 13.27 17.02 -25.92
C CYS A 247 11.85 16.79 -26.39
N ILE A 248 10.99 17.76 -26.14
CA ILE A 248 9.59 17.64 -26.51
C ILE A 248 9.20 18.90 -27.23
N HIS A 249 8.58 18.76 -28.38
CA HIS A 249 8.14 19.93 -29.12
C HIS A 249 6.83 19.68 -29.85
N CYS A 250 6.13 20.76 -30.17
CA CYS A 250 4.90 20.68 -30.95
C CYS A 250 5.16 21.76 -31.98
N SER A 251 4.38 22.83 -31.98
CA SER A 251 4.67 23.89 -32.94
C SER A 251 5.22 25.06 -32.17
N ALA A 252 4.52 25.44 -31.10
CA ALA A 252 4.96 26.57 -30.27
C ALA A 252 5.87 26.08 -29.14
N GLY A 253 5.76 24.80 -28.82
CA GLY A 253 6.58 24.27 -27.76
C GLY A 253 5.91 24.51 -26.44
N CYS A 254 4.60 24.70 -26.53
CA CYS A 254 3.77 24.93 -25.36
C CYS A 254 2.38 24.49 -25.77
N GLY A 255 1.66 23.92 -24.81
CA GLY A 255 0.33 23.40 -25.05
C GLY A 255 0.37 21.88 -24.91
N ARG A 256 0.62 21.22 -26.03
CA ARG A 256 0.73 19.78 -26.09
C ARG A 256 2.03 19.39 -25.45
N THR A 257 3.03 20.21 -25.70
CA THR A 257 4.35 19.97 -25.16
C THR A 257 4.28 19.98 -23.65
N GLY A 258 3.39 20.81 -23.12
CA GLY A 258 3.22 20.92 -21.67
C GLY A 258 2.46 19.75 -21.07
N VAL A 259 1.49 19.26 -21.83
CA VAL A 259 0.65 18.15 -21.39
C VAL A 259 1.47 16.87 -21.23
N ILE A 260 2.23 16.54 -22.27
CA ILE A 260 3.07 15.36 -22.28
C ILE A 260 4.04 15.49 -21.10
N CYS A 261 4.61 16.68 -20.99
CA CYS A 261 5.55 16.97 -19.93
C CYS A 261 4.96 16.82 -18.52
N ALA A 262 3.79 17.41 -18.30
CA ALA A 262 3.11 17.33 -17.01
C ALA A 262 2.74 15.89 -16.63
N ILE A 263 2.37 15.09 -17.62
CA ILE A 263 1.98 13.72 -17.33
C ILE A 263 3.21 12.90 -17.02
N ASP A 264 4.25 13.01 -17.85
CA ASP A 264 5.49 12.27 -17.57
C ASP A 264 5.95 12.56 -16.15
N TYR A 265 6.02 13.84 -15.77
CA TYR A 265 6.41 14.24 -14.42
C TYR A 265 5.54 13.52 -13.39
N THR A 266 4.22 13.70 -13.47
CA THR A 266 3.33 13.05 -12.52
C THR A 266 3.47 11.53 -12.52
N TRP A 267 3.72 10.94 -13.66
CA TRP A 267 3.87 9.51 -13.68
C TRP A 267 5.17 9.12 -12.99
N MET A 268 6.27 9.82 -13.30
CA MET A 268 7.55 9.52 -12.67
C MET A 268 7.37 9.49 -11.15
N LEU A 269 6.57 10.41 -10.62
CA LEU A 269 6.32 10.46 -9.19
C LEU A 269 5.62 9.21 -8.74
N LEU A 270 4.56 8.82 -9.45
CA LEU A 270 3.82 7.64 -9.08
C LEU A 270 4.74 6.42 -9.11
N LYS A 271 5.40 6.18 -10.24
CA LYS A 271 6.30 5.04 -10.32
C LYS A 271 7.29 4.96 -9.15
N ASP A 272 7.90 6.07 -8.76
CA ASP A 272 8.86 6.04 -7.65
C ASP A 272 8.33 6.30 -6.24
N GLY A 273 7.01 6.15 -6.06
CA GLY A 273 6.43 6.37 -4.75
C GLY A 273 6.78 7.67 -4.05
N ILE A 274 6.73 8.80 -4.75
CA ILE A 274 7.05 10.06 -4.08
C ILE A 274 6.03 11.16 -4.36
N ILE A 275 4.76 10.77 -4.42
CA ILE A 275 3.69 11.73 -4.65
C ILE A 275 3.52 12.54 -3.39
N PRO A 276 4.00 13.78 -3.39
CA PRO A 276 3.88 14.65 -2.21
C PRO A 276 2.45 14.63 -1.74
N GLU A 277 2.27 14.72 -0.42
CA GLU A 277 0.93 14.69 0.16
C GLU A 277 0.06 15.81 -0.36
N ASN A 278 0.69 16.95 -0.59
CA ASN A 278 0.01 18.16 -1.08
C ASN A 278 -0.15 18.24 -2.60
N PHE A 279 -0.08 17.09 -3.28
CA PHE A 279 -0.20 17.04 -4.74
C PHE A 279 -1.55 17.47 -5.35
N SER A 280 -1.47 18.33 -6.36
CA SER A 280 -2.65 18.79 -7.08
C SER A 280 -2.25 19.02 -8.54
N VAL A 281 -3.15 18.71 -9.46
CA VAL A 281 -2.84 18.93 -10.87
C VAL A 281 -2.59 20.41 -10.98
N PHE A 282 -3.36 21.20 -10.24
CA PHE A 282 -3.21 22.65 -10.27
C PHE A 282 -1.79 23.14 -10.01
N SER A 283 -1.20 22.72 -8.89
CA SER A 283 0.16 23.14 -8.56
C SER A 283 1.12 22.74 -9.65
N LEU A 284 0.96 21.52 -10.14
CA LEU A 284 1.83 21.01 -11.20
C LEU A 284 1.90 21.97 -12.37
N ILE A 285 0.74 22.26 -12.97
CA ILE A 285 0.71 23.15 -14.10
C ILE A 285 1.30 24.51 -13.78
N ARG A 286 1.03 25.00 -12.58
CA ARG A 286 1.55 26.28 -12.12
C ARG A 286 3.08 26.27 -12.11
N GLU A 287 3.66 25.20 -11.59
CA GLU A 287 5.09 25.04 -11.54
C GLU A 287 5.68 25.08 -12.94
N MET A 288 5.03 24.38 -13.85
CA MET A 288 5.49 24.31 -15.22
C MET A 288 5.42 25.67 -15.92
N ARG A 289 4.29 26.35 -15.76
CA ARG A 289 4.13 27.64 -16.41
C ARG A 289 5.09 28.71 -15.93
N THR A 290 5.88 28.40 -14.91
CA THR A 290 6.88 29.37 -14.44
C THR A 290 8.25 28.94 -14.98
N GLN A 291 8.28 27.90 -15.82
CA GLN A 291 9.53 27.44 -16.41
C GLN A 291 9.51 27.67 -17.92
N ARG A 292 8.30 27.73 -18.49
CA ARG A 292 8.12 28.07 -19.90
C ARG A 292 6.74 28.71 -20.05
N PRO A 293 6.68 29.86 -20.73
CA PRO A 293 5.42 30.58 -20.95
C PRO A 293 4.34 29.69 -21.52
N SER A 294 3.16 29.72 -20.90
CA SER A 294 2.02 28.95 -21.39
C SER A 294 2.34 27.50 -21.74
N LEU A 295 3.13 26.82 -20.90
CA LEU A 295 3.51 25.44 -21.17
C LEU A 295 2.27 24.58 -21.42
N VAL A 296 1.19 24.83 -20.69
CA VAL A 296 -0.08 24.14 -20.90
C VAL A 296 -0.96 25.36 -21.18
N GLN A 297 -1.27 25.55 -22.45
CA GLN A 297 -1.98 26.70 -22.93
C GLN A 297 -3.50 26.83 -22.83
N THR A 298 -4.23 25.72 -22.84
CA THR A 298 -5.68 25.85 -22.78
C THR A 298 -6.37 25.06 -21.68
N GLN A 299 -7.62 25.42 -21.43
CA GLN A 299 -8.42 24.75 -20.43
C GLN A 299 -8.63 23.32 -20.89
N GLU A 300 -8.81 23.11 -22.20
CA GLU A 300 -9.01 21.74 -22.69
C GLU A 300 -7.78 20.87 -22.39
N GLN A 301 -6.59 21.42 -22.63
CA GLN A 301 -5.36 20.67 -22.38
C GLN A 301 -5.20 20.48 -20.87
N TYR A 302 -5.71 21.42 -20.09
CA TYR A 302 -5.62 21.32 -18.64
C TYR A 302 -6.48 20.14 -18.16
N GLU A 303 -7.65 19.99 -18.77
CA GLU A 303 -8.55 18.93 -18.40
C GLU A 303 -7.97 17.57 -18.78
N LEU A 304 -7.31 17.51 -19.93
CA LEU A 304 -6.71 16.26 -20.38
C LEU A 304 -5.67 15.81 -19.38
N VAL A 305 -4.90 16.76 -18.85
CA VAL A 305 -3.87 16.43 -17.86
C VAL A 305 -4.55 15.92 -16.61
N TYR A 306 -5.60 16.59 -16.18
CA TYR A 306 -6.30 16.14 -14.99
C TYR A 306 -6.82 14.73 -15.20
N ASN A 307 -7.47 14.49 -16.35
CA ASN A 307 -8.02 13.17 -16.66
C ASN A 307 -6.95 12.11 -16.80
N ALA A 308 -5.87 12.43 -17.49
CA ALA A 308 -4.79 11.47 -17.68
C ALA A 308 -4.13 11.14 -16.33
N VAL A 309 -3.84 12.18 -15.55
CA VAL A 309 -3.23 11.97 -14.25
C VAL A 309 -4.06 11.01 -13.43
N LEU A 310 -5.36 11.29 -13.33
CA LEU A 310 -6.29 10.47 -12.56
C LEU A 310 -6.16 8.99 -12.94
N GLU A 311 -6.13 8.73 -14.24
CA GLU A 311 -6.03 7.38 -14.74
C GLU A 311 -4.72 6.74 -14.27
N LEU A 312 -3.66 7.55 -14.25
CA LEU A 312 -2.37 7.04 -13.81
C LEU A 312 -2.40 6.64 -12.34
N PHE A 313 -3.15 7.40 -11.53
CA PHE A 313 -3.26 7.11 -10.11
C PHE A 313 -3.95 5.75 -9.95
N LYS A 314 -5.01 5.52 -10.72
CA LYS A 314 -5.73 4.25 -10.64
C LYS A 314 -4.81 3.09 -10.99
N ARG A 315 -4.07 3.23 -12.09
CA ARG A 315 -3.16 2.18 -12.51
C ARG A 315 -2.08 1.97 -11.46
N GLN A 316 -1.67 3.03 -10.80
CA GLN A 316 -0.64 2.90 -9.77
C GLN A 316 -1.20 2.23 -8.54
N MET A 317 -2.45 2.57 -8.17
CA MET A 317 -3.05 1.95 -7.01
C MET A 317 -3.18 0.45 -7.24
N ASP A 318 -3.38 0.06 -8.49
CA ASP A 318 -3.51 -1.35 -8.82
C ASP A 318 -2.20 -2.04 -8.54
N VAL A 319 -1.12 -1.41 -8.97
CA VAL A 319 0.21 -1.93 -8.76
C VAL A 319 0.47 -2.08 -7.24
N ILE A 320 0.04 -1.08 -6.47
CA ILE A 320 0.19 -1.12 -5.02
C ILE A 320 -0.59 -2.32 -4.47
N ARG A 321 -1.80 -2.54 -4.99
CA ARG A 321 -2.64 -3.64 -4.53
C ARG A 321 -2.06 -5.02 -4.83
N ASP A 322 -1.50 -5.20 -6.01
CA ASP A 322 -0.95 -6.51 -6.35
C ASP A 322 0.40 -6.80 -5.69
N LYS A 323 1.02 -5.77 -5.13
CA LYS A 323 2.31 -5.94 -4.43
C LYS A 323 2.01 -6.14 -2.96
N HIS A 324 0.86 -5.64 -2.51
CA HIS A 324 0.45 -5.81 -1.13
C HIS A 324 0.00 -7.28 -0.98
N SER A 325 -0.40 -7.88 -2.10
CA SER A 325 -0.82 -9.27 -2.13
C SER A 325 0.41 -10.17 -2.06
N GLY A 326 1.59 -9.54 -2.13
CA GLY A 326 2.87 -10.22 -2.05
C GLY A 326 2.96 -11.57 -2.76
N MET B 24 -12.21 -26.31 52.17
CA MET B 24 -13.00 -27.46 51.62
C MET B 24 -12.19 -28.19 50.56
N ASP B 25 -12.49 -29.46 50.33
CA ASP B 25 -11.80 -30.21 49.30
C ASP B 25 -12.47 -29.88 47.96
N GLN B 26 -11.90 -30.39 46.88
CA GLN B 26 -12.42 -30.12 45.54
C GLN B 26 -13.84 -30.62 45.28
N ARG B 27 -14.19 -31.78 45.81
CA ARG B 27 -15.53 -32.31 45.60
C ARG B 27 -16.56 -31.37 46.16
N GLU B 28 -16.29 -30.89 47.38
CA GLU B 28 -17.16 -29.94 48.06
C GLU B 28 -17.31 -28.66 47.25
N ILE B 29 -16.18 -28.13 46.81
CA ILE B 29 -16.16 -26.91 46.04
C ILE B 29 -16.86 -27.10 44.69
N LEU B 30 -16.66 -28.24 44.04
CA LEU B 30 -17.32 -28.48 42.77
C LEU B 30 -18.82 -28.76 43.01
N GLN B 31 -19.12 -29.46 44.10
CA GLN B 31 -20.49 -29.81 44.45
C GLN B 31 -21.35 -28.57 44.72
N LYS B 32 -20.75 -27.58 45.38
CA LYS B 32 -21.41 -26.33 45.72
C LYS B 32 -21.71 -25.54 44.44
N PHE B 33 -20.75 -25.53 43.53
CA PHE B 33 -20.90 -24.81 42.26
C PHE B 33 -22.00 -25.51 41.47
N LEU B 34 -21.98 -26.84 41.48
CA LEU B 34 -22.98 -27.62 40.77
C LEU B 34 -24.37 -27.42 41.34
N ASP B 35 -24.45 -27.41 42.67
CA ASP B 35 -25.71 -27.23 43.39
C ASP B 35 -26.34 -25.87 43.08
N GLU B 36 -25.56 -24.81 43.30
CA GLU B 36 -26.04 -23.45 43.04
C GLU B 36 -26.55 -23.33 41.60
N ALA B 37 -25.72 -23.73 40.63
CA ALA B 37 -26.12 -23.62 39.23
C ALA B 37 -27.47 -24.28 38.98
N GLN B 38 -27.68 -25.45 39.56
CA GLN B 38 -28.93 -26.15 39.38
C GLN B 38 -30.10 -25.46 40.08
N SER B 39 -29.87 -25.02 41.31
CA SER B 39 -30.91 -24.40 42.14
C SER B 39 -31.16 -22.93 41.83
N LYS B 40 -30.55 -22.45 40.77
CA LYS B 40 -30.70 -21.06 40.42
C LYS B 40 -30.15 -20.87 39.01
N LYS B 41 -30.95 -21.24 38.01
CA LYS B 41 -30.52 -21.10 36.62
C LYS B 41 -30.35 -19.60 36.37
N ILE B 42 -29.31 -19.24 35.62
CA ILE B 42 -29.01 -17.85 35.31
C ILE B 42 -29.81 -17.42 34.11
N THR B 43 -30.48 -16.30 34.24
CA THR B 43 -31.31 -15.82 33.15
C THR B 43 -30.53 -14.95 32.17
N LYS B 44 -31.08 -14.80 30.98
CA LYS B 44 -30.45 -14.00 29.94
C LYS B 44 -30.26 -12.56 30.43
N GLU B 45 -31.16 -12.06 31.28
CA GLU B 45 -30.99 -10.70 31.78
C GLU B 45 -29.91 -10.62 32.85
N GLU B 46 -29.73 -11.70 33.60
CA GLU B 46 -28.70 -11.72 34.63
C GLU B 46 -27.35 -11.76 33.95
N PHE B 47 -27.30 -12.44 32.80
CA PHE B 47 -26.06 -12.54 32.04
C PHE B 47 -25.71 -11.18 31.45
N ALA B 48 -26.73 -10.46 30.99
CA ALA B 48 -26.50 -9.15 30.40
C ALA B 48 -26.04 -8.15 31.45
N ASN B 49 -26.56 -8.28 32.67
CA ASN B 49 -26.14 -7.39 33.73
C ASN B 49 -24.73 -7.78 34.14
N GLU B 50 -24.48 -9.07 34.31
CA GLU B 50 -23.13 -9.54 34.66
C GLU B 50 -22.14 -8.93 33.66
N PHE B 51 -22.40 -9.12 32.37
CA PHE B 51 -21.52 -8.63 31.34
C PHE B 51 -21.36 -7.10 31.31
N LEU B 52 -22.43 -6.36 31.57
CA LEU B 52 -22.35 -4.89 31.57
C LEU B 52 -21.36 -4.41 32.61
N LYS B 53 -21.23 -5.17 33.69
CA LYS B 53 -20.30 -4.81 34.74
C LYS B 53 -18.85 -4.95 34.27
N LEU B 54 -18.56 -6.01 33.53
CA LEU B 54 -17.22 -6.25 33.02
C LEU B 54 -16.81 -5.07 32.13
N LYS B 55 -17.76 -4.57 31.33
CA LYS B 55 -17.48 -3.47 30.43
C LYS B 55 -17.30 -2.22 31.22
N ARG B 56 -18.02 -2.13 32.34
CA ARG B 56 -17.92 -0.97 33.20
C ARG B 56 -16.52 -0.90 33.79
N GLN B 57 -15.99 -2.05 34.19
CA GLN B 57 -14.65 -2.06 34.75
C GLN B 57 -13.65 -1.58 33.69
N SER B 58 -13.93 -1.88 32.43
CA SER B 58 -13.04 -1.48 31.34
C SER B 58 -13.10 0.03 31.07
N THR B 59 -14.26 0.62 31.34
CA THR B 59 -14.41 2.04 31.13
C THR B 59 -13.55 2.73 32.20
N LYS B 60 -13.68 2.26 33.42
CA LYS B 60 -12.94 2.82 34.53
C LYS B 60 -11.43 2.68 34.27
N TYR B 61 -11.01 1.47 33.91
CA TYR B 61 -9.60 1.22 33.68
C TYR B 61 -9.03 2.12 32.60
N LYS B 62 -9.89 2.56 31.69
CA LYS B 62 -9.47 3.45 30.61
C LYS B 62 -9.33 4.84 31.20
N ALA B 63 -10.33 5.25 31.97
CA ALA B 63 -10.30 6.55 32.59
C ALA B 63 -9.06 6.71 33.48
N ASP B 64 -8.78 5.70 34.30
CA ASP B 64 -7.63 5.73 35.22
C ASP B 64 -6.27 5.54 34.52
N LYS B 65 -6.30 5.20 33.23
CA LYS B 65 -5.06 4.97 32.48
C LYS B 65 -4.29 3.83 33.14
N THR B 66 -5.06 2.93 33.75
CA THR B 66 -4.52 1.78 34.44
C THR B 66 -3.66 0.96 33.51
N TYR B 67 -4.13 0.77 32.28
CA TYR B 67 -3.44 -0.05 31.30
C TYR B 67 -3.15 0.59 29.96
N PRO B 68 -2.14 1.46 29.89
CA PRO B 68 -1.74 2.16 28.66
C PRO B 68 -1.41 1.25 27.47
N THR B 69 -1.70 1.74 26.26
CA THR B 69 -1.42 1.01 25.03
C THR B 69 -0.60 1.94 24.14
N THR B 70 0.43 2.53 24.74
CA THR B 70 1.30 3.49 24.04
C THR B 70 2.13 2.95 22.88
N VAL B 71 2.64 1.73 23.01
CA VAL B 71 3.46 1.16 21.94
C VAL B 71 2.64 0.85 20.71
N ALA B 72 1.46 0.30 20.91
CA ALA B 72 0.61 -0.02 19.76
C ALA B 72 0.13 1.24 19.06
N GLU B 73 0.07 2.35 19.79
CA GLU B 73 -0.37 3.64 19.27
C GLU B 73 0.69 4.39 18.43
N LYS B 74 1.94 3.94 18.50
CA LYS B 74 3.01 4.58 17.73
C LYS B 74 2.71 4.58 16.23
N PRO B 75 3.03 5.69 15.54
CA PRO B 75 2.80 5.80 14.10
C PRO B 75 3.37 4.62 13.30
N LYS B 76 4.57 4.19 13.65
CA LYS B 76 5.22 3.07 12.96
C LYS B 76 4.47 1.73 13.13
N ASN B 77 3.73 1.61 14.22
CA ASN B 77 2.98 0.39 14.51
C ASN B 77 1.51 0.37 14.13
N ILE B 78 0.91 1.54 13.89
CA ILE B 78 -0.51 1.59 13.54
C ILE B 78 -0.98 0.62 12.44
N LYS B 79 -0.26 0.59 11.32
CA LYS B 79 -0.60 -0.29 10.20
C LYS B 79 -0.36 -1.76 10.54
N LYS B 80 0.12 -2.03 11.75
CA LYS B 80 0.35 -3.40 12.17
C LYS B 80 -0.86 -3.89 12.94
N ASN B 81 -1.78 -2.98 13.23
CA ASN B 81 -2.99 -3.32 13.95
C ASN B 81 -4.13 -3.59 12.99
N ARG B 82 -4.82 -4.71 13.20
CA ARG B 82 -5.93 -5.09 12.36
C ARG B 82 -7.16 -4.25 12.71
N TYR B 83 -7.40 -4.06 14.01
CA TYR B 83 -8.53 -3.28 14.50
C TYR B 83 -8.00 -2.13 15.35
N LYS B 84 -8.21 -0.91 14.87
CA LYS B 84 -7.73 0.30 15.55
C LYS B 84 -8.19 0.38 17.01
N ASP B 85 -9.31 -0.25 17.32
CA ASP B 85 -9.77 -0.18 18.70
C ASP B 85 -9.28 -1.35 19.54
N ILE B 86 -8.56 -2.27 18.93
CA ILE B 86 -8.02 -3.41 19.67
C ILE B 86 -6.50 -3.35 19.76
N LEU B 87 -6.02 -2.72 20.83
CA LEU B 87 -4.57 -2.58 21.04
C LEU B 87 -4.17 -3.34 22.27
N PRO B 88 -2.97 -3.94 22.25
CA PRO B 88 -2.45 -4.71 23.36
C PRO B 88 -1.96 -3.81 24.48
N TYR B 89 -2.28 -4.18 25.71
CA TYR B 89 -1.83 -3.40 26.86
C TYR B 89 -0.32 -3.48 26.86
N ASP B 90 0.32 -2.35 27.16
CA ASP B 90 1.76 -2.29 27.19
C ASP B 90 2.37 -3.34 28.11
N TYR B 91 1.93 -3.35 29.36
CA TYR B 91 2.48 -4.26 30.36
C TYR B 91 2.47 -5.74 30.04
N SER B 92 1.56 -6.17 29.17
CA SER B 92 1.48 -7.59 28.82
C SER B 92 1.76 -7.91 27.35
N ARG B 93 2.07 -6.87 26.57
CA ARG B 93 2.32 -7.07 25.16
C ARG B 93 3.48 -8.05 24.96
N VAL B 94 3.44 -8.80 23.87
CA VAL B 94 4.49 -9.74 23.57
C VAL B 94 5.56 -9.02 22.78
N GLU B 95 6.76 -8.92 23.34
CA GLU B 95 7.87 -8.23 22.68
C GLU B 95 8.66 -9.17 21.81
N LEU B 96 9.08 -8.67 20.66
CA LEU B 96 9.85 -9.47 19.73
C LEU B 96 11.30 -9.01 19.73
N SER B 97 12.21 -9.98 19.69
CA SER B 97 13.64 -9.66 19.65
C SER B 97 14.30 -10.39 18.49
N LEU B 98 13.80 -11.58 18.12
CA LEU B 98 14.38 -12.34 17.02
C LEU B 98 14.59 -11.47 15.79
N ILE B 99 15.81 -11.50 15.26
CA ILE B 99 16.24 -10.72 14.10
C ILE B 99 15.66 -9.30 14.14
N THR B 100 15.89 -8.63 15.27
CA THR B 100 15.41 -7.27 15.49
C THR B 100 15.87 -6.24 14.46
N ASP B 102 15.46 -2.60 12.38
CA ASP B 102 14.39 -1.63 12.57
C ASP B 102 14.08 -1.47 14.05
N GLU B 103 13.79 -0.23 14.44
CA GLU B 103 13.51 0.15 15.83
C GLU B 103 12.12 -0.24 16.36
N ASP B 104 11.16 -0.42 15.45
CA ASP B 104 9.81 -0.79 15.84
C ASP B 104 9.47 -2.23 15.50
N SER B 105 10.48 -2.95 15.04
CA SER B 105 10.35 -4.36 14.68
C SER B 105 10.09 -5.21 15.93
N SER B 106 10.06 -4.55 17.10
CA SER B 106 9.83 -5.24 18.36
C SER B 106 8.33 -5.52 18.62
N TYR B 107 7.46 -4.68 18.04
CA TYR B 107 6.02 -4.75 18.22
C TYR B 107 5.19 -5.74 17.41
N ILE B 108 4.13 -6.25 18.04
CA ILE B 108 3.17 -7.13 17.39
C ILE B 108 1.91 -7.01 18.24
N ASN B 109 0.76 -7.31 17.68
CA ASN B 109 -0.47 -7.21 18.43
C ASN B 109 -0.75 -8.53 19.11
N ALA B 110 -0.26 -8.68 20.34
CA ALA B 110 -0.46 -9.91 21.09
C ALA B 110 -0.13 -9.69 22.56
N ASN B 111 -0.75 -10.51 23.40
CA ASN B 111 -0.53 -10.42 24.83
C ASN B 111 -0.39 -11.78 25.47
N PHE B 112 0.54 -11.88 26.39
CA PHE B 112 0.71 -13.11 27.13
C PHE B 112 -0.46 -13.13 28.09
N ILE B 113 -1.05 -14.29 28.29
CA ILE B 113 -2.13 -14.45 29.23
C ILE B 113 -1.63 -15.43 30.28
N LYS B 114 -1.86 -15.11 31.55
CA LYS B 114 -1.39 -15.96 32.62
C LYS B 114 -2.21 -17.23 32.76
N GLY B 115 -1.47 -18.32 32.99
CA GLY B 115 -2.06 -19.62 33.19
C GLY B 115 -2.29 -19.80 34.68
N VAL B 116 -2.75 -20.97 35.07
CA VAL B 116 -3.00 -21.24 36.47
C VAL B 116 -1.78 -21.28 37.39
N TYR B 117 -0.61 -21.61 36.86
CA TYR B 117 0.61 -21.70 37.68
C TYR B 117 1.62 -20.57 37.48
N GLY B 118 1.46 -19.80 36.40
CA GLY B 118 2.40 -18.72 36.15
C GLY B 118 2.09 -17.91 34.92
N PRO B 119 2.95 -16.92 34.60
CA PRO B 119 2.67 -16.11 33.41
C PRO B 119 3.05 -16.77 32.11
N LYS B 120 2.72 -16.07 31.03
CA LYS B 120 3.01 -16.49 29.66
C LYS B 120 2.50 -17.86 29.23
N ALA B 121 1.38 -18.28 29.81
CA ALA B 121 0.77 -19.57 29.47
C ALA B 121 0.15 -19.52 28.07
N TYR B 122 -0.45 -18.40 27.71
CA TYR B 122 -1.09 -18.25 26.41
C TYR B 122 -0.62 -17.01 25.71
N ILE B 123 -0.82 -16.96 24.40
CA ILE B 123 -0.51 -15.79 23.63
C ILE B 123 -1.74 -15.46 22.81
N ALA B 124 -2.52 -14.50 23.28
CA ALA B 124 -3.70 -14.04 22.58
C ALA B 124 -3.21 -13.02 21.55
N THR B 125 -3.47 -13.28 20.27
CA THR B 125 -3.01 -12.40 19.20
C THR B 125 -4.05 -12.32 18.10
N GLN B 126 -3.85 -11.42 17.15
CA GLN B 126 -4.75 -11.21 16.00
C GLN B 126 -4.36 -12.04 14.79
N GLY B 127 -5.32 -12.25 13.89
CA GLY B 127 -5.04 -12.98 12.67
C GLY B 127 -4.04 -12.11 11.96
N PRO B 128 -2.87 -12.63 11.61
CA PRO B 128 -1.93 -11.72 10.94
C PRO B 128 -2.33 -11.13 9.59
N LEU B 129 -1.77 -9.96 9.32
CA LEU B 129 -1.99 -9.21 8.10
C LEU B 129 -0.85 -9.54 7.16
N SER B 130 -0.99 -9.24 5.86
CA SER B 130 0.09 -9.56 4.95
C SER B 130 1.37 -8.88 5.45
N THR B 131 1.17 -7.75 6.10
CA THR B 131 2.24 -6.94 6.64
C THR B 131 2.88 -7.41 7.93
N THR B 132 2.34 -8.47 8.55
CA THR B 132 2.92 -8.97 9.80
C THR B 132 3.18 -10.48 9.84
N LEU B 133 2.95 -11.17 8.74
CA LEU B 133 3.18 -12.61 8.67
C LEU B 133 4.59 -12.96 9.12
N LEU B 134 5.53 -12.02 8.92
CA LEU B 134 6.91 -12.26 9.29
C LEU B 134 7.00 -12.15 10.80
N ASP B 135 6.34 -11.13 11.33
CA ASP B 135 6.31 -10.91 12.77
C ASP B 135 5.67 -12.10 13.46
N PHE B 136 4.59 -12.61 12.87
CA PHE B 136 3.90 -13.75 13.44
C PHE B 136 4.86 -14.92 13.62
N TRP B 137 5.55 -15.30 12.56
CA TRP B 137 6.48 -16.41 12.63
C TRP B 137 7.70 -16.16 13.51
N ARG B 138 8.10 -14.91 13.65
CA ARG B 138 9.22 -14.57 14.51
C ARG B 138 8.79 -14.90 15.93
N MET B 139 7.61 -14.41 16.31
CA MET B 139 7.06 -14.63 17.63
C MET B 139 6.97 -16.12 17.94
N ILE B 140 6.29 -16.85 17.08
CA ILE B 140 6.16 -18.28 17.29
C ILE B 140 7.53 -18.94 17.50
N TRP B 141 8.52 -18.50 16.73
CA TRP B 141 9.85 -19.07 16.80
C TRP B 141 10.67 -18.64 18.01
N GLU B 142 10.48 -17.39 18.44
CA GLU B 142 11.21 -16.83 19.57
C GLU B 142 10.78 -17.43 20.90
N TYR B 143 9.48 -17.67 21.06
CA TYR B 143 8.96 -18.22 22.30
C TYR B 143 8.78 -19.73 22.33
N SER B 144 9.22 -20.38 21.27
CA SER B 144 9.15 -21.84 21.14
C SER B 144 7.73 -22.41 21.22
N VAL B 145 6.76 -21.65 20.74
CA VAL B 145 5.38 -22.08 20.72
C VAL B 145 5.33 -23.39 19.93
N LEU B 146 4.44 -24.28 20.35
CA LEU B 146 4.29 -25.57 19.70
C LEU B 146 2.89 -25.69 19.12
N ILE B 147 1.94 -25.00 19.75
CA ILE B 147 0.55 -25.07 19.34
C ILE B 147 -0.05 -23.73 18.94
N ILE B 148 -0.83 -23.74 17.86
CA ILE B 148 -1.52 -22.56 17.40
C ILE B 148 -2.97 -22.95 17.19
N VAL B 149 -3.87 -22.22 17.82
CA VAL B 149 -5.28 -22.49 17.70
C VAL B 149 -5.90 -21.33 16.93
N MET B 150 -6.34 -21.61 15.71
CA MET B 150 -6.97 -20.60 14.87
C MET B 150 -8.46 -20.81 15.00
N ALA B 151 -9.18 -19.83 15.56
CA ALA B 151 -10.62 -19.95 15.77
C ALA B 151 -11.47 -19.15 14.84
N CYS B 152 -11.02 -18.98 13.61
CA CYS B 152 -11.82 -18.25 12.66
C CYS B 152 -11.52 -18.74 11.27
N MET B 153 -12.42 -18.41 10.34
CA MET B 153 -12.30 -18.78 8.95
C MET B 153 -11.41 -17.74 8.31
N GLU B 154 -10.99 -18.03 7.09
CA GLU B 154 -10.14 -17.13 6.33
C GLU B 154 -11.00 -15.94 5.86
N TYR B 155 -12.24 -16.25 5.48
CA TYR B 155 -13.20 -15.24 5.03
C TYR B 155 -14.44 -15.37 5.92
N GLU B 156 -15.00 -14.23 6.33
CA GLU B 156 -16.19 -14.22 7.18
C GLU B 156 -17.02 -13.00 6.83
N MET B 157 -18.33 -13.25 6.63
CA MET B 157 -19.26 -12.18 6.27
C MET B 157 -18.68 -11.52 5.03
N GLY B 158 -18.08 -12.34 4.17
CA GLY B 158 -17.49 -11.83 2.95
C GLY B 158 -16.18 -11.08 3.10
N LYS B 159 -15.73 -10.86 4.33
CA LYS B 159 -14.48 -10.14 4.52
C LYS B 159 -13.31 -11.05 4.89
N LYS B 160 -12.11 -10.69 4.49
CA LYS B 160 -10.96 -11.53 4.80
C LYS B 160 -10.61 -11.30 6.26
N LYS B 161 -10.57 -12.38 7.04
CA LYS B 161 -10.30 -12.26 8.46
C LYS B 161 -8.90 -12.65 8.90
N CYS B 162 -8.11 -13.20 8.00
CA CYS B 162 -6.76 -13.62 8.38
C CYS B 162 -5.97 -13.99 7.14
N GLU B 163 -4.69 -13.64 7.13
CA GLU B 163 -3.86 -13.96 5.97
C GLU B 163 -3.23 -15.30 6.16
N ARG B 164 -2.96 -15.99 5.06
CA ARG B 164 -2.34 -17.30 5.11
C ARG B 164 -0.94 -17.25 5.68
N TYR B 165 -0.74 -17.93 6.81
CA TYR B 165 0.58 -18.00 7.40
C TYR B 165 0.98 -19.48 7.45
N TRP B 166 0.03 -20.36 7.16
CA TRP B 166 0.26 -21.80 7.19
C TRP B 166 0.41 -22.40 5.82
N ALA B 167 0.81 -23.66 5.80
CA ALA B 167 1.02 -24.42 4.56
C ALA B 167 0.06 -25.60 4.48
N GLU B 168 -0.25 -26.04 3.27
CA GLU B 168 -1.14 -27.18 3.09
C GLU B 168 -0.47 -28.27 2.30
N PRO B 169 -0.98 -29.51 2.38
CA PRO B 169 -0.34 -30.59 1.62
C PRO B 169 -0.31 -30.32 0.12
N GLY B 170 0.80 -30.66 -0.51
CA GLY B 170 0.95 -30.48 -1.94
C GLY B 170 1.47 -29.10 -2.35
N GLU B 171 1.64 -28.21 -1.39
CA GLU B 171 2.10 -26.86 -1.69
C GLU B 171 3.61 -26.65 -1.53
N MET B 172 4.28 -27.60 -0.88
CA MET B 172 5.71 -27.49 -0.62
C MET B 172 5.89 -26.41 0.46
N GLN B 173 7.01 -25.69 0.40
CA GLN B 173 7.33 -24.64 1.36
C GLN B 173 6.80 -23.26 0.98
N LEU B 174 6.36 -22.48 1.97
CA LEU B 174 5.93 -21.12 1.71
C LEU B 174 7.02 -20.26 2.38
N GLU B 175 7.32 -19.09 1.80
CA GLU B 175 8.38 -18.26 2.35
C GLU B 175 7.93 -17.01 3.06
N PHE B 176 8.37 -16.86 4.30
CA PHE B 176 8.04 -15.67 5.05
C PHE B 176 9.39 -15.22 5.60
N GLY B 177 10.06 -14.37 4.83
CA GLY B 177 11.37 -13.93 5.22
C GLY B 177 12.22 -15.19 5.32
N PRO B 178 13.01 -15.33 6.38
CA PRO B 178 13.85 -16.50 6.54
C PRO B 178 13.06 -17.73 6.93
N PHE B 179 11.77 -17.56 7.20
CA PHE B 179 10.96 -18.69 7.60
C PHE B 179 10.35 -19.52 6.47
N SER B 180 10.54 -20.83 6.56
CA SER B 180 9.99 -21.73 5.57
C SER B 180 9.02 -22.69 6.23
N VAL B 181 7.78 -22.66 5.75
CA VAL B 181 6.71 -23.47 6.29
C VAL B 181 6.10 -24.41 5.28
N SER B 182 5.95 -25.68 5.68
CA SER B 182 5.36 -26.69 4.82
C SER B 182 4.45 -27.53 5.68
N CYS B 183 3.50 -28.20 5.07
CA CYS B 183 2.60 -29.01 5.84
C CYS B 183 2.86 -30.49 5.56
N GLU B 184 3.17 -31.22 6.64
CA GLU B 184 3.46 -32.65 6.55
C GLU B 184 2.17 -33.44 6.49
N ALA B 185 1.29 -33.20 7.46
CA ALA B 185 0.02 -33.89 7.51
C ALA B 185 -1.13 -33.01 7.97
N GLU B 186 -2.33 -33.35 7.52
CA GLU B 186 -3.53 -32.65 7.91
C GLU B 186 -4.47 -33.70 8.46
N LYS B 187 -5.02 -33.46 9.65
CA LYS B 187 -5.95 -34.41 10.23
C LYS B 187 -7.28 -33.67 10.30
N ARG B 188 -8.24 -34.13 9.50
CA ARG B 188 -9.56 -33.50 9.44
C ARG B 188 -10.60 -34.13 10.32
N LYS B 189 -10.98 -33.42 11.37
CA LYS B 189 -12.00 -33.95 12.26
C LYS B 189 -13.32 -33.27 11.90
N SER B 190 -14.36 -33.52 12.67
CA SER B 190 -15.69 -32.98 12.37
C SER B 190 -15.75 -31.47 12.21
N ASP B 191 -15.27 -30.74 13.22
CA ASP B 191 -15.28 -29.27 13.19
C ASP B 191 -13.92 -28.57 13.15
N TYR B 192 -12.83 -29.31 13.11
CA TYR B 192 -11.53 -28.68 13.04
C TYR B 192 -10.49 -29.51 12.34
N ILE B 193 -9.42 -28.86 11.92
CA ILE B 193 -8.33 -29.52 11.21
C ILE B 193 -7.04 -29.38 11.99
N ILE B 194 -6.26 -30.44 12.03
CA ILE B 194 -4.99 -30.37 12.75
C ILE B 194 -3.88 -30.52 11.75
N ARG B 195 -3.22 -29.41 11.44
CA ARG B 195 -2.11 -29.40 10.50
C ARG B 195 -0.80 -29.57 11.21
N THR B 196 -0.02 -30.55 10.77
CA THR B 196 1.28 -30.78 11.36
C THR B 196 2.23 -29.99 10.47
N LEU B 197 2.71 -28.86 10.97
CA LEU B 197 3.59 -27.98 10.19
C LEU B 197 5.08 -28.13 10.43
N LYS B 198 5.87 -27.94 9.39
CA LYS B 198 7.32 -28.01 9.55
C LYS B 198 7.88 -26.62 9.31
N VAL B 199 8.50 -26.06 10.33
CA VAL B 199 9.06 -24.74 10.14
C VAL B 199 10.58 -24.80 10.18
N LYS B 200 11.21 -24.07 9.25
CA LYS B 200 12.67 -23.99 9.18
C LYS B 200 13.14 -22.56 9.39
N PHE B 201 14.36 -22.44 9.91
CA PHE B 201 15.00 -21.17 10.16
C PHE B 201 16.45 -21.49 10.47
N ASN B 202 17.36 -20.80 9.79
CA ASN B 202 18.79 -21.02 9.98
C ASN B 202 19.13 -22.49 10.08
N SER B 203 18.57 -23.28 9.18
CA SER B 203 18.84 -24.70 9.16
C SER B 203 18.28 -25.46 10.37
N GLU B 204 17.36 -24.83 11.10
CA GLU B 204 16.75 -25.55 12.20
C GLU B 204 15.29 -25.79 11.86
N THR B 205 14.86 -27.02 12.07
CA THR B 205 13.50 -27.37 11.76
C THR B 205 12.71 -27.76 13.00
N ARG B 206 11.53 -27.17 13.12
CA ARG B 206 10.63 -27.43 14.24
C ARG B 206 9.27 -27.92 13.72
N THR B 207 8.55 -28.62 14.58
CA THR B 207 7.22 -29.09 14.23
C THR B 207 6.28 -28.17 15.02
N ILE B 208 5.24 -27.67 14.35
CA ILE B 208 4.25 -26.80 14.99
C ILE B 208 2.90 -27.39 14.65
N TYR B 209 2.06 -27.59 15.66
CA TYR B 209 0.73 -28.16 15.41
C TYR B 209 -0.28 -27.05 15.34
N GLN B 210 -0.92 -26.90 14.18
CA GLN B 210 -1.94 -25.86 14.02
C GLN B 210 -3.33 -26.45 14.06
N PHE B 211 -4.12 -26.00 15.03
CA PHE B 211 -5.50 -26.44 15.18
C PHE B 211 -6.35 -25.36 14.55
N HIS B 212 -7.03 -25.69 13.46
CA HIS B 212 -7.88 -24.72 12.78
C HIS B 212 -9.36 -25.03 13.01
N TYR B 213 -9.98 -24.29 13.92
CA TYR B 213 -11.39 -24.49 14.26
C TYR B 213 -12.21 -23.78 13.19
N LYS B 214 -12.89 -24.56 12.35
CA LYS B 214 -13.66 -23.98 11.26
C LYS B 214 -15.15 -23.98 11.54
N ASN B 215 -15.50 -23.82 12.81
CA ASN B 215 -16.90 -23.78 13.20
C ASN B 215 -16.97 -23.09 14.55
N TRP B 216 -18.17 -22.95 15.09
CA TRP B 216 -18.32 -22.30 16.38
C TRP B 216 -19.67 -22.57 16.99
N PRO B 217 -19.68 -22.95 18.29
CA PRO B 217 -20.85 -23.27 19.12
C PRO B 217 -22.01 -22.31 18.95
N ASP B 218 -23.17 -22.87 18.64
CA ASP B 218 -24.38 -22.08 18.39
C ASP B 218 -25.14 -21.86 19.68
N HIS B 219 -25.52 -20.60 19.89
CA HIS B 219 -26.25 -20.17 21.08
C HIS B 219 -27.43 -21.09 21.41
N ASP B 220 -28.24 -21.37 20.39
CA ASP B 220 -29.45 -22.16 20.54
C ASP B 220 -29.30 -23.69 20.47
N VAL B 221 -28.11 -24.21 20.78
CA VAL B 221 -27.87 -25.65 20.73
C VAL B 221 -26.88 -26.05 21.81
N PRO B 222 -27.36 -26.26 23.05
CA PRO B 222 -26.61 -26.65 24.26
C PRO B 222 -25.50 -27.66 24.03
N SER B 223 -25.77 -28.63 23.16
CA SER B 223 -24.81 -29.68 22.86
C SER B 223 -23.80 -29.27 21.79
N SER B 224 -23.85 -28.00 21.37
CA SER B 224 -22.94 -27.54 20.35
C SER B 224 -21.62 -27.11 20.96
N ILE B 225 -21.51 -27.27 22.27
CA ILE B 225 -20.31 -26.92 22.99
C ILE B 225 -19.33 -28.08 22.97
N ASP B 226 -19.87 -29.28 22.78
CA ASP B 226 -19.07 -30.49 22.75
C ASP B 226 -17.86 -30.36 21.83
N PRO B 227 -18.05 -29.75 20.66
CA PRO B 227 -16.90 -29.61 19.75
C PRO B 227 -15.78 -28.73 20.29
N ILE B 228 -16.12 -27.66 20.99
CA ILE B 228 -15.07 -26.78 21.51
C ILE B 228 -14.36 -27.40 22.72
N LEU B 229 -15.06 -28.27 23.44
CA LEU B 229 -14.45 -28.96 24.57
C LEU B 229 -13.52 -30.02 24.02
N GLU B 230 -13.90 -30.61 22.88
CA GLU B 230 -13.11 -31.63 22.23
C GLU B 230 -11.84 -31.01 21.67
N LEU B 231 -11.97 -29.78 21.19
CA LEU B 231 -10.83 -29.06 20.62
C LEU B 231 -9.74 -28.83 21.67
N ILE B 232 -10.14 -28.32 22.83
CA ILE B 232 -9.19 -28.05 23.90
C ILE B 232 -8.60 -29.35 24.42
N TRP B 233 -9.40 -30.40 24.44
CA TRP B 233 -8.93 -31.71 24.88
C TRP B 233 -7.79 -32.18 23.98
N ASP B 234 -8.02 -32.17 22.65
CA ASP B 234 -7.00 -32.61 21.70
C ASP B 234 -5.74 -31.80 21.91
N VAL B 235 -5.90 -30.48 21.93
CA VAL B 235 -4.77 -29.60 22.15
C VAL B 235 -3.98 -30.10 23.36
N ARG B 236 -4.64 -30.24 24.50
CA ARG B 236 -3.97 -30.71 25.69
C ARG B 236 -3.33 -32.07 25.50
N CYS B 237 -3.83 -32.87 24.58
CA CYS B 237 -3.16 -34.15 24.35
C CYS B 237 -1.74 -33.82 23.84
N TYR B 238 -1.65 -32.87 22.90
CA TYR B 238 -0.36 -32.45 22.31
C TYR B 238 0.57 -31.69 23.23
N GLN B 239 0.04 -31.07 24.26
CA GLN B 239 0.85 -30.36 25.23
C GLN B 239 -0.04 -30.34 26.45
N GLU B 240 0.38 -31.04 27.50
CA GLU B 240 -0.40 -31.15 28.73
C GLU B 240 -0.01 -30.13 29.78
N ASP B 241 1.19 -29.60 29.60
CA ASP B 241 1.81 -28.66 30.53
C ASP B 241 1.82 -27.24 29.99
N ASP B 242 2.60 -26.39 30.67
CA ASP B 242 2.76 -24.99 30.32
C ASP B 242 4.21 -24.61 29.99
N SER B 243 5.02 -25.59 29.62
CA SER B 243 6.43 -25.35 29.30
C SER B 243 6.60 -24.17 28.33
N VAL B 244 5.67 -24.05 27.40
CA VAL B 244 5.73 -22.97 26.42
C VAL B 244 4.33 -22.36 26.23
N PRO B 245 4.28 -21.07 25.85
CA PRO B 245 2.97 -20.44 25.65
C PRO B 245 2.25 -21.09 24.48
N ILE B 246 0.93 -21.14 24.56
CA ILE B 246 0.13 -21.71 23.49
C ILE B 246 -0.47 -20.52 22.77
N CYS B 247 -0.28 -20.45 21.45
CA CYS B 247 -0.84 -19.33 20.71
C CYS B 247 -2.30 -19.55 20.30
N ILE B 248 -3.14 -18.56 20.53
CA ILE B 248 -4.55 -18.68 20.20
C ILE B 248 -4.96 -17.42 19.50
N HIS B 249 -5.65 -17.53 18.37
CA HIS B 249 -6.07 -16.35 17.64
C HIS B 249 -7.31 -16.56 16.81
N CYS B 250 -8.05 -15.48 16.61
CA CYS B 250 -9.21 -15.49 15.76
C CYS B 250 -8.85 -14.37 14.79
N SER B 251 -9.74 -13.40 14.59
CA SER B 251 -9.36 -12.33 13.70
C SER B 251 -8.79 -11.22 14.55
N ALA B 252 -9.54 -10.78 15.56
CA ALA B 252 -9.06 -9.69 16.41
C ALA B 252 -8.20 -10.12 17.58
N GLY B 253 -8.22 -11.40 17.91
CA GLY B 253 -7.41 -11.86 19.02
C GLY B 253 -8.20 -11.72 20.31
N CYS B 254 -9.50 -11.48 20.17
CA CYS B 254 -10.36 -11.34 21.31
C CYS B 254 -11.74 -11.81 20.92
N GLY B 255 -12.44 -12.40 21.87
CA GLY B 255 -13.77 -12.91 21.60
C GLY B 255 -13.64 -14.42 21.62
N ARG B 256 -13.50 -15.01 20.45
CA ARG B 256 -13.36 -16.45 20.35
C ARG B 256 -12.07 -16.90 21.05
N THR B 257 -11.04 -16.06 20.97
CA THR B 257 -9.76 -16.35 21.60
C THR B 257 -9.83 -16.37 23.12
N GLY B 258 -10.69 -15.50 23.67
CA GLY B 258 -10.82 -15.42 25.12
C GLY B 258 -11.65 -16.57 25.65
N VAL B 259 -12.68 -16.93 24.89
CA VAL B 259 -13.55 -18.02 25.27
C VAL B 259 -12.69 -19.27 25.39
N ILE B 260 -11.97 -19.57 24.32
CA ILE B 260 -11.09 -20.74 24.30
C ILE B 260 -10.10 -20.70 25.49
N CYS B 261 -9.52 -19.53 25.70
CA CYS B 261 -8.56 -19.34 26.75
C CYS B 261 -9.12 -19.55 28.15
N ALA B 262 -10.29 -18.96 28.40
CA ALA B 262 -10.95 -19.07 29.69
C ALA B 262 -11.37 -20.49 29.96
N ILE B 263 -11.82 -21.20 28.94
CA ILE B 263 -12.26 -22.55 29.17
C ILE B 263 -11.05 -23.41 29.50
N ASP B 264 -9.97 -23.30 28.71
CA ASP B 264 -8.79 -24.11 29.00
C ASP B 264 -8.31 -23.85 30.43
N TYR B 265 -8.25 -22.58 30.80
CA TYR B 265 -7.83 -22.17 32.13
C TYR B 265 -8.57 -22.89 33.24
N THR B 266 -9.90 -22.84 33.22
CA THR B 266 -10.68 -23.51 34.25
C THR B 266 -10.48 -25.01 34.21
N TRP B 267 -10.38 -25.57 33.02
CA TRP B 267 -10.17 -27.00 32.91
C TRP B 267 -8.81 -27.40 33.51
N MET B 268 -7.81 -26.54 33.37
CA MET B 268 -6.49 -26.84 33.92
C MET B 268 -6.64 -26.88 35.45
N LEU B 269 -7.57 -26.08 35.95
CA LEU B 269 -7.85 -26.05 37.37
C LEU B 269 -8.55 -27.30 37.81
N LEU B 270 -9.68 -27.59 37.19
CA LEU B 270 -10.42 -28.78 37.55
C LEU B 270 -9.49 -29.99 37.45
N LYS B 271 -8.81 -30.20 36.32
CA LYS B 271 -7.90 -31.34 36.19
C LYS B 271 -6.88 -31.48 37.34
N ASP B 272 -6.15 -30.40 37.62
CA ASP B 272 -5.15 -30.42 38.68
C ASP B 272 -5.73 -30.25 40.09
N GLY B 273 -7.05 -30.32 40.20
CA GLY B 273 -7.71 -30.20 41.48
C GLY B 273 -7.34 -28.99 42.31
N ILE B 274 -7.27 -27.82 41.68
CA ILE B 274 -6.94 -26.59 42.40
C ILE B 274 -7.95 -25.47 42.16
N ILE B 275 -9.22 -25.83 42.05
CA ILE B 275 -10.25 -24.83 41.86
C ILE B 275 -10.34 -24.11 43.17
N PRO B 276 -10.11 -22.79 43.19
CA PRO B 276 -10.18 -22.00 44.42
C PRO B 276 -11.64 -21.98 44.86
N GLU B 277 -11.86 -21.81 46.16
CA GLU B 277 -13.22 -21.80 46.69
C GLU B 277 -14.07 -20.62 46.22
N ASN B 278 -13.43 -19.50 45.93
CA ASN B 278 -14.16 -18.31 45.49
C ASN B 278 -14.35 -18.27 43.99
N PHE B 279 -14.22 -19.41 43.33
CA PHE B 279 -14.34 -19.46 41.88
C PHE B 279 -15.63 -18.93 41.28
N SER B 280 -15.49 -18.08 40.26
CA SER B 280 -16.64 -17.54 39.55
C SER B 280 -16.25 -17.29 38.10
N VAL B 281 -17.17 -17.53 37.17
CA VAL B 281 -16.86 -17.27 35.79
C VAL B 281 -16.70 -15.77 35.64
N PHE B 282 -17.35 -15.02 36.53
CA PHE B 282 -17.25 -13.56 36.49
C PHE B 282 -15.85 -13.09 36.80
N SER B 283 -15.26 -13.68 37.82
CA SER B 283 -13.92 -13.31 38.21
C SER B 283 -12.95 -13.77 37.14
N LEU B 284 -13.23 -14.93 36.56
CA LEU B 284 -12.36 -15.47 35.52
C LEU B 284 -12.24 -14.49 34.37
N ILE B 285 -13.38 -14.16 33.77
CA ILE B 285 -13.41 -13.23 32.66
C ILE B 285 -12.81 -11.87 32.99
N ARG B 286 -13.00 -11.41 34.22
CA ARG B 286 -12.44 -10.12 34.64
C ARG B 286 -10.92 -10.19 34.64
N GLU B 287 -10.36 -11.27 35.16
CA GLU B 287 -8.91 -11.41 35.18
C GLU B 287 -8.35 -11.35 33.78
N MET B 288 -9.02 -12.04 32.88
CA MET B 288 -8.61 -12.13 31.49
C MET B 288 -8.66 -10.78 30.78
N ARG B 289 -9.75 -10.05 30.99
CA ARG B 289 -9.94 -8.78 30.34
C ARG B 289 -8.91 -7.71 30.69
N THR B 290 -8.23 -7.90 31.80
CA THR B 290 -7.22 -6.94 32.22
C THR B 290 -5.83 -7.35 31.71
N GLN B 291 -5.78 -8.40 30.89
CA GLN B 291 -4.50 -8.84 30.33
C GLN B 291 -4.49 -8.58 28.83
N ARG B 292 -5.67 -8.60 28.22
CA ARG B 292 -5.83 -8.25 26.82
C ARG B 292 -7.21 -7.62 26.65
N PRO B 293 -7.27 -6.45 26.03
CA PRO B 293 -8.52 -5.72 25.80
C PRO B 293 -9.67 -6.55 25.25
N SER B 294 -10.73 -6.67 26.03
CA SER B 294 -11.91 -7.39 25.57
C SER B 294 -11.72 -8.87 25.26
N LEU B 295 -10.77 -9.52 25.95
CA LEU B 295 -10.50 -10.95 25.70
C LEU B 295 -11.79 -11.68 25.31
N VAL B 296 -12.81 -11.61 26.18
CA VAL B 296 -14.13 -12.17 25.88
C VAL B 296 -14.89 -10.90 25.45
N GLN B 297 -15.41 -10.86 24.22
CA GLN B 297 -16.05 -9.66 23.72
C GLN B 297 -17.58 -9.52 23.79
N THR B 298 -18.32 -10.60 23.82
CA THR B 298 -19.78 -10.46 23.89
C THR B 298 -20.44 -11.30 24.97
N GLN B 299 -21.71 -10.98 25.21
CA GLN B 299 -22.54 -11.68 26.20
C GLN B 299 -22.76 -13.12 25.75
N GLU B 300 -22.90 -13.36 24.45
CA GLU B 300 -23.09 -14.72 23.97
C GLU B 300 -21.81 -15.49 24.29
N GLN B 301 -20.65 -14.88 23.97
CA GLN B 301 -19.36 -15.50 24.26
C GLN B 301 -19.25 -15.79 25.76
N TYR B 302 -19.73 -14.83 26.56
CA TYR B 302 -19.74 -14.97 28.01
C TYR B 302 -20.54 -16.22 28.42
N GLU B 303 -21.79 -16.26 27.96
CA GLU B 303 -22.70 -17.38 28.25
C GLU B 303 -22.10 -18.70 27.80
N LEU B 304 -21.43 -18.70 26.64
CA LEU B 304 -20.80 -19.92 26.15
C LEU B 304 -19.76 -20.44 27.16
N VAL B 305 -18.96 -19.52 27.71
CA VAL B 305 -17.95 -19.89 28.70
C VAL B 305 -18.62 -20.41 29.95
N TYR B 306 -19.67 -19.73 30.39
CA TYR B 306 -20.36 -20.20 31.57
C TYR B 306 -20.84 -21.64 31.38
N ASN B 307 -21.46 -21.91 30.22
CA ASN B 307 -21.98 -23.23 29.93
C ASN B 307 -20.88 -24.27 29.81
N ALA B 308 -19.86 -23.97 29.02
CA ALA B 308 -18.73 -24.89 28.88
C ALA B 308 -18.16 -25.26 30.27
N VAL B 309 -18.05 -24.25 31.14
CA VAL B 309 -17.51 -24.44 32.50
C VAL B 309 -18.38 -25.33 33.37
N LEU B 310 -19.69 -25.11 33.37
CA LEU B 310 -20.58 -25.93 34.15
C LEU B 310 -20.45 -27.40 33.71
N GLU B 311 -20.39 -27.61 32.42
CA GLU B 311 -20.26 -28.95 31.87
C GLU B 311 -18.93 -29.55 32.32
N LEU B 312 -17.90 -28.70 32.40
CA LEU B 312 -16.60 -29.17 32.81
C LEU B 312 -16.65 -29.64 34.25
N PHE B 313 -17.30 -28.87 35.11
CA PHE B 313 -17.43 -29.25 36.51
C PHE B 313 -18.05 -30.64 36.61
N LYS B 314 -19.14 -30.91 35.89
CA LYS B 314 -19.77 -32.22 35.95
C LYS B 314 -18.79 -33.36 35.67
N ARG B 315 -18.13 -33.30 34.52
CA ARG B 315 -17.17 -34.32 34.13
C ARG B 315 -16.12 -34.51 35.21
N GLN B 316 -15.60 -33.40 35.72
CA GLN B 316 -14.60 -33.51 36.77
C GLN B 316 -15.22 -34.20 37.98
N MET B 317 -16.50 -33.92 38.23
CA MET B 317 -17.19 -34.53 39.34
C MET B 317 -17.34 -36.03 39.10
N ASP B 318 -17.63 -36.45 37.87
CA ASP B 318 -17.74 -37.88 37.59
C ASP B 318 -16.39 -38.52 37.90
N VAL B 319 -15.33 -37.96 37.29
CA VAL B 319 -13.97 -38.42 37.53
C VAL B 319 -13.78 -38.67 39.03
N ILE B 320 -14.08 -37.65 39.83
CA ILE B 320 -13.95 -37.74 41.29
C ILE B 320 -14.81 -38.86 41.84
N ARG B 321 -15.99 -39.04 41.26
CA ARG B 321 -16.91 -40.07 41.72
C ARG B 321 -16.38 -41.48 41.48
N ASP B 322 -15.80 -41.72 40.30
CA ASP B 322 -15.27 -43.04 39.98
C ASP B 322 -13.96 -43.33 40.73
N LYS B 323 -13.24 -42.28 41.08
CA LYS B 323 -12.01 -42.40 41.84
C LYS B 323 -12.29 -42.66 43.33
N HIS B 324 -13.40 -42.10 43.83
CA HIS B 324 -13.78 -42.30 45.23
C HIS B 324 -14.24 -43.73 45.40
N SER B 325 -14.63 -44.37 44.30
CA SER B 325 -15.09 -45.77 44.28
C SER B 325 -13.90 -46.70 44.53
N GLY B 326 -12.69 -46.14 44.38
CA GLY B 326 -11.44 -46.86 44.60
C GLY B 326 -11.18 -48.02 43.62
C1 N75 C . 0.88 25.90 -31.23
C2 N75 C . 0.57 24.69 -30.60
C3 N75 C . -0.51 24.65 -29.71
C4 N75 C . -1.25 25.80 -29.46
C5 N75 C . -0.91 26.99 -30.11
C6 N75 C . 0.14 27.03 -30.98
C7 N75 C . -1.40 28.26 -30.12
C8 N75 C . -0.58 28.95 -30.99
O1 N75 C . 0.28 28.18 -31.45
C9 N75 C . -0.62 30.27 -31.38
C10 N75 C . 0.02 31.25 -30.61
C11 N75 C . 0.01 32.57 -30.95
C12 N75 C . -0.65 33.04 -32.09
C13 N75 C . -1.29 32.07 -32.86
C14 N75 C . -1.28 30.73 -32.51
O2 N75 C . -0.62 34.40 -32.37
C15 N75 C . 0.29 34.92 -33.32
C16 N75 C . 1.42 35.71 -32.65
N1 N75 C . 1.04 36.99 -32.28
O3 N75 C . 2.52 35.24 -32.45
C17 N75 C . 1.93 37.92 -31.60
C18 N75 C . 1.45 39.31 -31.98
C19 N75 C . 1.56 38.85 -30.52
C20 N75 C . -2.46 28.65 -29.39
C21 N75 C . -3.46 29.02 -28.79
C22 N75 C . -4.57 29.42 -28.19
C23 N75 C . -5.74 29.53 -28.95
C24 N75 C . -6.92 29.94 -28.36
C25 N75 C . -6.95 30.24 -27.01
C26 N75 C . -5.81 30.13 -26.25
CL N75 C . -5.87 30.51 -24.57
C27 N75 C . -4.61 29.72 -26.84
C28 N75 C . -0.87 23.50 -29.05
O4 N75 C . -1.90 22.93 -29.25
O5 N75 C . -0.09 22.89 -28.11
O6 N75 C . 1.38 23.62 -30.91
C1 N75 D . -13.10 -10.20 15.55
C2 N75 D . -13.41 -11.38 16.20
C3 N75 D . -14.51 -11.41 17.08
C4 N75 D . -15.26 -10.25 17.28
C5 N75 D . -14.90 -9.09 16.62
C6 N75 D . -13.83 -9.06 15.77
C7 N75 D . -15.39 -7.81 16.58
C8 N75 D . -14.54 -7.15 15.72
O1 N75 D . -13.67 -7.94 15.28
C9 N75 D . -14.54 -5.83 15.29
C10 N75 D . -13.99 -4.83 16.08
C11 N75 D . -13.97 -3.50 15.68
C12 N75 D . -14.49 -3.10 14.46
C13 N75 D . -15.03 -4.10 13.66
C14 N75 D . -15.05 -5.41 14.07
O2 N75 D . -14.44 -1.75 14.11
C15 N75 D . -13.61 -1.31 13.06
C16 N75 D . -12.39 -0.53 13.55
N1 N75 D . -12.71 0.51 14.41
O3 N75 D . -11.24 -0.80 13.24
C17 N75 D . -12.02 1.80 14.38
C18 N75 D . -13.09 2.85 14.62
C19 N75 D . -11.86 2.71 15.52
C20 N75 D . -16.46 -7.42 17.28
C21 N75 D . -17.48 -7.07 17.83
C22 N75 D . -18.62 -6.66 18.36
C23 N75 D . -19.58 -6.13 17.51
C24 N75 D . -20.78 -5.69 18.01
C25 N75 D . -21.03 -5.77 19.34
C26 N75 D . -20.08 -6.29 20.20
CL N75 D . -20.43 -6.39 21.89
C27 N75 D . -18.86 -6.75 19.71
C28 N75 D . -14.89 -12.56 17.77
O4 N75 D . -16.02 -12.73 18.17
O5 N75 D . -14.05 -13.60 18.08
O6 N75 D . -12.62 -12.44 15.92
#